data_5H3K
#
_entry.id   5H3K
#
_cell.length_a   66.152
_cell.length_b   83.924
_cell.length_c   96.069
_cell.angle_alpha   90.00
_cell.angle_beta   90.00
_cell.angle_gamma   90.00
#
_symmetry.space_group_name_H-M   'P 21 21 21'
#
loop_
_entity.id
_entity.type
_entity.pdbx_description
1 polymer 'Slr0280 protein'
2 water water
#
_entity_poly.entity_id   1
_entity_poly.type   'polypeptide(L)'
_entity_poly.pdbx_seq_one_letter_code
;MALGDLLKMVNWTRNWFGFSCLFVLTLAVMLGLKLFLPSPVVAQSSSDFIQQGNQISIDGKSYPVAWGQWQEGGQTRTGL
GDTGAMQFLGLDLLDNTSPNQQPVQWFSGDRQTLNARFVAPNRYLDVTSLLQGFGPLQAQGNTLVMPNTNAQILTVRDGR
QSWGERVVLELSQPAFWQVSQAREEAVVTINASSTIGSQGNANAPGLQAIDQDDLGGKTSGGQQIRYRLERSGASSKVHF
QLPVGYKLQVSTLTSPFRLVIDARADAPPVKTINWTEGITWQQRFVNISGGQFPVTTVTINPRSPGISLRPLMANPTMAQ
GTAPLVTIARDQRAAVAINAGFFNRNNQLPLGAVWSQQNWRSGPILNRGAIAWNDQGQTTFGRLSLSEIITTGSGQRLTA
NYLNSGYVQRGIARYTPAWGPSYIPLSDNEQVYVVQNSQVTAQYPLPKAGQQQMPIPSDGYLIIDRGNQIPAGVLAVGTT
LNVNGRSTPEAFNAFPNGMGAGPLLIDQGRMVLNATGEGFSSAFQQQRASRSAIAVDRNGNIILVASHNRVGGAGASLGE
FAQILQQLGAVNALNLDGGSSTSLALGGQLLDRSPVTAARVSNAIGVFVR
;
_entity_poly.pdbx_strand_id   A
#
# COMPACT_ATOMS: atom_id res chain seq x y z
N SER A 47 -26.90 2.33 -4.33
CA SER A 47 -27.95 1.99 -5.28
C SER A 47 -27.43 1.19 -6.48
N ASP A 48 -26.13 0.90 -6.48
CA ASP A 48 -25.50 0.15 -7.57
C ASP A 48 -25.82 -1.35 -7.52
N PHE A 49 -26.11 -1.85 -6.32
CA PHE A 49 -26.23 -3.28 -6.10
C PHE A 49 -27.50 -3.63 -5.35
N ILE A 50 -28.09 -4.78 -5.68
CA ILE A 50 -29.21 -5.31 -4.92
C ILE A 50 -28.68 -5.98 -3.66
N GLN A 51 -27.58 -6.72 -3.81
CA GLN A 51 -26.84 -7.26 -2.67
C GLN A 51 -25.35 -7.06 -2.91
N GLN A 52 -24.57 -7.04 -1.83
CA GLN A 52 -23.13 -6.86 -1.95
C GLN A 52 -22.42 -7.28 -0.68
N GLY A 53 -21.13 -7.60 -0.80
CA GLY A 53 -20.35 -8.00 0.35
C GLY A 53 -18.85 -8.00 0.08
N ASN A 54 -18.08 -8.35 1.10
CA ASN A 54 -16.63 -8.33 1.01
C ASN A 54 -16.00 -9.71 1.21
N GLN A 55 -16.82 -10.76 1.23
CA GLN A 55 -16.34 -12.13 1.38
C GLN A 55 -16.97 -13.07 0.36
N ILE A 56 -16.19 -14.04 -0.10
CA ILE A 56 -16.72 -15.16 -0.87
C ILE A 56 -16.35 -16.42 -0.11
N SER A 57 -17.14 -17.46 -0.26
CA SER A 57 -16.87 -18.72 0.42
C SER A 57 -16.59 -19.82 -0.59
N ILE A 58 -15.49 -20.55 -0.38
CA ILE A 58 -15.12 -21.67 -1.24
C ILE A 58 -14.77 -22.87 -0.36
N ASP A 59 -15.49 -23.98 -0.54
CA ASP A 59 -15.28 -25.17 0.28
C ASP A 59 -15.33 -24.84 1.78
N GLY A 60 -16.28 -23.99 2.18
CA GLY A 60 -16.50 -23.68 3.58
C GLY A 60 -15.52 -22.70 4.21
N LYS A 61 -14.64 -22.13 3.41
CA LYS A 61 -13.69 -21.14 3.92
C LYS A 61 -13.94 -19.79 3.26
N SER A 62 -13.86 -18.71 4.05
CA SER A 62 -14.12 -17.38 3.53
C SER A 62 -12.84 -16.66 3.14
N TYR A 63 -12.91 -15.94 2.02
CA TYR A 63 -11.77 -15.18 1.51
C TYR A 63 -12.22 -13.74 1.24
N PRO A 64 -11.32 -12.77 1.42
CA PRO A 64 -11.65 -11.34 1.23
C PRO A 64 -11.73 -10.99 -0.25
N VAL A 65 -12.94 -11.04 -0.81
CA VAL A 65 -13.17 -10.68 -2.21
C VAL A 65 -14.44 -9.84 -2.29
N ALA A 66 -14.35 -8.64 -2.87
CA ALA A 66 -15.53 -7.82 -3.03
C ALA A 66 -16.46 -8.41 -4.09
N TRP A 67 -17.76 -8.42 -3.82
CA TRP A 67 -18.73 -8.89 -4.79
C TRP A 67 -19.98 -8.01 -4.75
N GLY A 68 -20.71 -8.01 -5.86
CA GLY A 68 -21.98 -7.33 -5.93
C GLY A 68 -22.89 -8.01 -6.93
N GLN A 69 -24.19 -7.92 -6.70
CA GLN A 69 -25.17 -8.49 -7.63
C GLN A 69 -26.15 -7.40 -8.05
N TRP A 70 -26.52 -7.42 -9.32
CA TRP A 70 -27.45 -6.42 -9.85
C TRP A 70 -28.37 -7.00 -10.91
N GLN A 71 -29.35 -6.19 -11.32
CA GLN A 71 -30.31 -6.57 -12.35
C GLN A 71 -29.91 -6.03 -13.71
N GLU A 72 -29.86 -6.90 -14.70
CA GLU A 72 -29.53 -6.47 -16.06
C GLU A 72 -30.23 -7.34 -17.09
N GLY A 73 -31.18 -6.76 -17.81
CA GLY A 73 -31.95 -7.49 -18.80
C GLY A 73 -32.82 -8.55 -18.14
N GLY A 74 -33.48 -8.14 -17.06
CA GLY A 74 -34.34 -9.05 -16.31
C GLY A 74 -33.63 -10.19 -15.59
N GLN A 75 -32.30 -10.17 -15.60
CA GLN A 75 -31.48 -11.23 -14.99
C GLN A 75 -30.68 -10.70 -13.80
N THR A 76 -30.36 -11.61 -12.88
CA THR A 76 -29.44 -11.28 -11.80
C THR A 76 -28.00 -11.54 -12.23
N ARG A 77 -27.16 -10.50 -12.19
CA ARG A 77 -25.76 -10.66 -12.58
C ARG A 77 -24.91 -10.64 -11.33
N THR A 78 -23.79 -11.36 -11.36
CA THR A 78 -22.86 -11.35 -10.23
C THR A 78 -21.51 -10.85 -10.68
N GLY A 79 -20.98 -9.87 -9.95
CA GLY A 79 -19.68 -9.30 -10.25
C GLY A 79 -18.72 -9.50 -9.09
N LEU A 80 -17.45 -9.73 -9.39
CA LEU A 80 -16.41 -9.88 -8.37
C LEU A 80 -15.33 -8.84 -8.64
N GLY A 81 -14.77 -8.25 -7.58
CA GLY A 81 -13.60 -7.38 -7.74
C GLY A 81 -12.53 -8.07 -8.57
N ASP A 82 -12.04 -7.39 -9.61
CA ASP A 82 -11.17 -8.05 -10.57
C ASP A 82 -9.90 -8.64 -9.96
N THR A 83 -9.22 -7.86 -9.13
CA THR A 83 -7.98 -8.33 -8.53
C THR A 83 -8.28 -9.45 -7.54
N GLY A 84 -9.49 -9.44 -6.99
CA GLY A 84 -9.93 -10.51 -6.10
C GLY A 84 -10.24 -11.79 -6.85
N ALA A 85 -10.92 -11.67 -7.99
CA ALA A 85 -11.23 -12.84 -8.81
C ALA A 85 -9.93 -13.47 -9.30
N MET A 86 -8.97 -12.62 -9.66
CA MET A 86 -7.68 -13.07 -10.14
C MET A 86 -6.97 -13.90 -9.08
N GLN A 87 -6.98 -13.39 -7.85
CA GLN A 87 -6.17 -14.01 -6.80
C GLN A 87 -6.81 -15.16 -6.07
N PHE A 88 -8.12 -15.19 -6.04
CA PHE A 88 -8.82 -16.21 -5.26
C PHE A 88 -9.60 -17.22 -6.09
N LEU A 89 -9.84 -16.90 -7.36
CA LEU A 89 -10.45 -17.88 -8.28
C LEU A 89 -9.43 -18.42 -9.27
N GLY A 90 -8.40 -17.63 -9.57
CA GLY A 90 -7.40 -17.99 -10.55
C GLY A 90 -7.67 -17.51 -11.97
N LEU A 91 -8.54 -16.51 -12.13
CA LEU A 91 -8.75 -15.93 -13.46
C LEU A 91 -7.50 -15.22 -13.97
N ASP A 92 -7.07 -15.55 -15.18
CA ASP A 92 -5.96 -14.83 -15.79
C ASP A 92 -6.56 -13.61 -16.45
N LEU A 93 -6.22 -12.41 -15.95
CA LEU A 93 -6.68 -11.16 -16.56
C LEU A 93 -5.74 -10.77 -17.70
N LEU A 94 -6.24 -10.82 -18.93
CA LEU A 94 -5.43 -10.50 -20.10
C LEU A 94 -5.46 -8.99 -20.41
N ASP A 95 -4.42 -8.52 -21.11
CA ASP A 95 -4.35 -7.11 -21.50
C ASP A 95 -5.65 -6.70 -22.18
N ASN A 96 -6.22 -5.57 -21.75
CA ASN A 96 -7.51 -5.11 -22.26
C ASN A 96 -7.39 -3.81 -23.03
N THR A 97 -8.51 -3.33 -23.55
CA THR A 97 -8.55 -2.05 -24.23
C THR A 97 -9.33 -1.05 -23.40
N SER A 98 -10.65 -1.12 -23.49
CA SER A 98 -11.50 -0.25 -22.69
C SER A 98 -11.62 -0.76 -21.25
N PRO A 99 -11.60 0.14 -20.25
CA PRO A 99 -11.78 -0.29 -18.86
C PRO A 99 -13.06 -1.09 -18.61
N ASN A 100 -14.08 -0.92 -19.44
CA ASN A 100 -15.33 -1.64 -19.21
C ASN A 100 -15.34 -3.07 -19.75
N GLN A 101 -14.24 -3.51 -20.35
CA GLN A 101 -14.08 -4.85 -20.91
C GLN A 101 -12.89 -5.55 -20.31
N GLN A 102 -13.02 -6.83 -19.99
CA GLN A 102 -11.90 -7.58 -19.43
C GLN A 102 -11.84 -8.98 -20.01
N PRO A 103 -10.96 -9.19 -21.00
CA PRO A 103 -10.69 -10.56 -21.48
C PRO A 103 -9.98 -11.41 -20.43
N VAL A 104 -10.40 -12.65 -20.30
CA VAL A 104 -9.87 -13.54 -19.26
C VAL A 104 -9.63 -14.94 -19.83
N GLN A 105 -8.75 -15.70 -19.18
CA GLN A 105 -8.60 -17.12 -19.46
C GLN A 105 -8.77 -17.89 -18.17
N TRP A 106 -9.65 -18.90 -18.18
CA TRP A 106 -9.88 -19.73 -17.02
C TRP A 106 -10.51 -21.05 -17.47
N PHE A 107 -9.66 -22.04 -17.72
CA PHE A 107 -10.08 -23.33 -18.26
C PHE A 107 -10.96 -23.12 -19.49
N SER A 108 -10.46 -22.30 -20.41
CA SER A 108 -11.19 -21.98 -21.64
C SER A 108 -10.31 -22.14 -22.88
N GLY A 109 -10.86 -22.73 -23.93
CA GLY A 109 -10.16 -22.79 -25.20
C GLY A 109 -10.09 -21.41 -25.84
N ASP A 110 -11.22 -20.70 -25.79
CA ASP A 110 -11.33 -19.33 -26.30
C ASP A 110 -11.28 -18.36 -25.14
N ARG A 111 -10.70 -17.17 -25.35
CA ARG A 111 -10.78 -16.15 -24.32
C ARG A 111 -12.23 -15.67 -24.20
N GLN A 112 -12.59 -15.22 -23.02
CA GLN A 112 -13.93 -14.72 -22.77
C GLN A 112 -13.77 -13.27 -22.36
N THR A 113 -14.63 -12.41 -22.87
CA THR A 113 -14.54 -11.01 -22.53
C THR A 113 -15.62 -10.66 -21.53
N LEU A 114 -15.22 -10.34 -20.30
CA LEU A 114 -16.19 -10.07 -19.26
C LEU A 114 -16.51 -8.58 -19.25
N ASN A 115 -17.76 -8.23 -18.93
CA ASN A 115 -18.08 -6.84 -18.69
C ASN A 115 -17.48 -6.43 -17.36
N ALA A 116 -16.95 -5.20 -17.30
CA ALA A 116 -16.42 -4.65 -16.05
C ALA A 116 -17.16 -3.37 -15.70
N ARG A 117 -17.49 -3.19 -14.43
CA ARG A 117 -18.08 -1.94 -14.00
C ARG A 117 -17.42 -1.45 -12.71
N PHE A 118 -17.19 -0.15 -12.62
CA PHE A 118 -16.56 0.39 -11.42
C PHE A 118 -17.60 0.89 -10.44
N VAL A 119 -17.50 0.41 -9.19
CA VAL A 119 -18.32 0.92 -8.10
C VAL A 119 -17.34 1.10 -6.95
N ALA A 120 -17.00 2.36 -6.65
CA ALA A 120 -15.93 2.67 -5.70
C ALA A 120 -16.00 1.81 -4.45
N PRO A 121 -14.86 1.20 -4.04
CA PRO A 121 -13.52 1.38 -4.61
C PRO A 121 -13.09 0.28 -5.58
N ASN A 122 -14.02 -0.52 -6.10
CA ASN A 122 -13.64 -1.71 -6.83
C ASN A 122 -14.12 -1.76 -8.27
N ARG A 123 -13.40 -2.53 -9.09
CA ARG A 123 -13.77 -2.79 -10.48
C ARG A 123 -14.36 -4.21 -10.54
N TYR A 124 -15.67 -4.31 -10.75
CA TYR A 124 -16.34 -5.61 -10.69
C TYR A 124 -16.43 -6.28 -12.07
N LEU A 125 -16.02 -7.55 -12.14
CA LEU A 125 -16.14 -8.33 -13.37
C LEU A 125 -17.41 -9.18 -13.33
N ASP A 126 -18.23 -9.09 -14.37
CA ASP A 126 -19.47 -9.86 -14.44
C ASP A 126 -19.13 -11.31 -14.79
N VAL A 127 -19.18 -12.19 -13.78
CA VAL A 127 -18.76 -13.57 -13.96
C VAL A 127 -19.95 -14.52 -14.16
N THR A 128 -21.13 -13.94 -14.36
CA THR A 128 -22.38 -14.72 -14.48
C THR A 128 -22.32 -15.79 -15.56
N SER A 129 -21.92 -15.40 -16.76
CA SER A 129 -21.83 -16.37 -17.87
C SER A 129 -20.68 -17.33 -17.70
N LEU A 130 -19.55 -16.80 -17.24
CA LEU A 130 -18.35 -17.59 -17.03
C LEU A 130 -18.64 -18.81 -16.17
N LEU A 131 -19.44 -18.63 -15.14
CA LEU A 131 -19.67 -19.66 -14.14
C LEU A 131 -21.05 -20.28 -14.24
N GLN A 132 -21.73 -20.03 -15.36
CA GLN A 132 -23.12 -20.44 -15.53
C GLN A 132 -23.33 -21.94 -15.42
N GLY A 133 -22.38 -22.72 -15.93
CA GLY A 133 -22.49 -24.16 -15.91
C GLY A 133 -22.57 -24.74 -14.51
N PHE A 134 -22.15 -23.98 -13.51
CA PHE A 134 -22.04 -24.51 -12.16
C PHE A 134 -23.23 -24.20 -11.26
N GLY A 135 -24.26 -23.59 -11.84
CA GLY A 135 -25.50 -23.35 -11.11
C GLY A 135 -25.57 -21.95 -10.52
N PRO A 136 -26.79 -21.39 -10.41
CA PRO A 136 -27.06 -20.05 -9.88
C PRO A 136 -26.22 -19.67 -8.64
N LEU A 137 -25.68 -18.45 -8.65
CA LEU A 137 -24.79 -17.95 -7.60
C LEU A 137 -25.57 -17.31 -6.46
N GLN A 138 -25.43 -17.84 -5.26
CA GLN A 138 -26.26 -17.38 -4.15
C GLN A 138 -25.52 -16.72 -3.02
N ALA A 139 -26.03 -15.56 -2.60
CA ALA A 139 -25.43 -14.78 -1.53
C ALA A 139 -26.08 -15.11 -0.21
N GLN A 140 -25.31 -15.04 0.85
CA GLN A 140 -25.78 -15.30 2.20
C GLN A 140 -25.30 -14.15 3.06
N GLY A 141 -26.01 -13.02 2.95
CA GLY A 141 -25.61 -11.81 3.66
C GLY A 141 -24.38 -11.19 3.02
N ASN A 142 -23.30 -11.10 3.79
CA ASN A 142 -22.07 -10.47 3.34
C ASN A 142 -21.20 -11.42 2.51
N THR A 143 -21.59 -12.70 2.47
CA THR A 143 -20.77 -13.73 1.85
C THR A 143 -21.41 -14.37 0.61
N LEU A 144 -20.74 -14.27 -0.53
CA LEU A 144 -21.21 -14.93 -1.75
C LEU A 144 -20.67 -16.35 -1.77
N VAL A 145 -21.56 -17.34 -1.85
CA VAL A 145 -21.13 -18.73 -1.84
C VAL A 145 -20.79 -19.19 -3.25
N MET A 146 -19.53 -19.54 -3.47
CA MET A 146 -19.09 -19.97 -4.79
C MET A 146 -19.61 -21.38 -5.09
N PRO A 147 -19.90 -21.66 -6.36
CA PRO A 147 -20.53 -22.93 -6.68
C PRO A 147 -19.54 -24.08 -6.62
N ASN A 148 -20.05 -25.29 -6.40
CA ASN A 148 -19.25 -26.50 -6.45
C ASN A 148 -18.97 -26.88 -7.91
N THR A 149 -17.70 -26.90 -8.30
CA THR A 149 -17.38 -27.31 -9.66
C THR A 149 -17.19 -28.83 -9.81
N ASN A 150 -17.20 -29.54 -8.69
CA ASN A 150 -17.05 -31.02 -8.68
C ASN A 150 -15.77 -31.52 -9.36
N ALA A 151 -14.68 -30.77 -9.19
CA ALA A 151 -13.41 -31.11 -9.83
C ALA A 151 -12.63 -32.11 -8.99
N GLN A 152 -11.92 -33.01 -9.66
CA GLN A 152 -11.01 -33.94 -9.02
C GLN A 152 -9.68 -33.91 -9.74
N ILE A 153 -8.59 -34.08 -8.98
CA ILE A 153 -7.28 -34.17 -9.56
C ILE A 153 -7.03 -35.60 -10.01
N LEU A 154 -6.80 -35.79 -11.31
CA LEU A 154 -6.69 -37.15 -11.86
C LEU A 154 -5.25 -37.66 -11.90
N THR A 155 -4.31 -36.80 -12.30
CA THR A 155 -2.90 -37.15 -12.28
C THR A 155 -2.05 -35.94 -11.88
N VAL A 156 -0.86 -36.20 -11.40
CA VAL A 156 0.13 -35.16 -11.14
C VAL A 156 1.42 -35.57 -11.84
N ARG A 157 1.90 -34.73 -12.76
CA ARG A 157 3.13 -35.02 -13.52
C ARG A 157 4.07 -33.84 -13.39
N ASP A 158 5.39 -34.08 -13.44
CA ASP A 158 6.34 -32.97 -13.44
C ASP A 158 7.46 -33.19 -14.44
N GLY A 159 8.18 -32.12 -14.80
CA GLY A 159 9.28 -32.21 -15.74
C GLY A 159 10.15 -30.97 -15.78
N ARG A 160 11.42 -31.13 -16.18
CA ARG A 160 12.31 -29.98 -16.32
C ARG A 160 11.99 -29.17 -17.57
N GLN A 161 12.24 -27.87 -17.51
CA GLN A 161 12.07 -26.99 -18.68
C GLN A 161 13.31 -26.12 -18.75
N SER A 162 13.40 -25.28 -19.78
CA SER A 162 14.56 -24.42 -19.96
C SER A 162 14.72 -23.45 -18.78
N TRP A 163 13.59 -22.99 -18.25
CA TRP A 163 13.60 -21.95 -17.22
C TRP A 163 13.38 -22.46 -15.80
N GLY A 164 13.20 -23.75 -15.64
CA GLY A 164 13.02 -24.33 -14.32
C GLY A 164 12.29 -25.66 -14.36
N GLU A 165 11.19 -25.76 -13.64
CA GLU A 165 10.42 -27.00 -13.62
C GLU A 165 8.93 -26.75 -13.67
N ARG A 166 8.20 -27.74 -14.13
CA ARG A 166 6.76 -27.60 -14.30
C ARG A 166 6.04 -28.75 -13.62
N VAL A 167 4.97 -28.43 -12.91
CA VAL A 167 4.10 -29.45 -12.35
C VAL A 167 2.74 -29.30 -12.99
N VAL A 168 2.17 -30.40 -13.48
CA VAL A 168 0.88 -30.34 -14.14
C VAL A 168 -0.15 -31.18 -13.39
N LEU A 169 -1.24 -30.55 -12.97
CA LEU A 169 -2.35 -31.29 -12.38
C LEU A 169 -3.44 -31.45 -13.44
N GLU A 170 -3.67 -32.68 -13.90
CA GLU A 170 -4.83 -32.94 -14.76
C GLU A 170 -6.10 -33.00 -13.91
N LEU A 171 -7.13 -32.28 -14.34
CA LEU A 171 -8.35 -32.13 -13.55
C LEU A 171 -9.56 -32.66 -14.33
N SER A 172 -10.59 -33.10 -13.61
CA SER A 172 -11.83 -33.56 -14.25
C SER A 172 -12.73 -32.40 -14.67
N GLN A 173 -12.62 -31.29 -13.95
CA GLN A 173 -13.45 -30.10 -14.20
C GLN A 173 -12.59 -28.88 -13.85
N PRO A 174 -13.01 -27.69 -14.34
CA PRO A 174 -12.35 -26.47 -13.90
C PRO A 174 -12.40 -26.35 -12.38
N ALA A 175 -11.42 -25.67 -11.80
CA ALA A 175 -11.36 -25.56 -10.35
C ALA A 175 -10.83 -24.19 -9.94
N PHE A 176 -11.43 -23.60 -8.92
CA PHE A 176 -10.90 -22.37 -8.36
C PHE A 176 -9.58 -22.67 -7.67
N TRP A 177 -8.64 -21.72 -7.72
CA TRP A 177 -7.36 -21.92 -7.07
C TRP A 177 -6.73 -20.58 -6.67
N GLN A 178 -5.78 -20.64 -5.75
CA GLN A 178 -5.01 -19.48 -5.34
C GLN A 178 -3.59 -19.92 -5.05
N VAL A 179 -2.67 -18.95 -5.01
CA VAL A 179 -1.26 -19.26 -4.76
C VAL A 179 -0.67 -18.21 -3.82
N SER A 180 0.10 -18.65 -2.82
CA SER A 180 0.81 -17.75 -1.91
C SER A 180 2.27 -18.17 -1.78
N GLN A 181 3.19 -17.20 -1.65
CA GLN A 181 4.60 -17.51 -1.48
C GLN A 181 5.26 -16.61 -0.46
N ALA A 182 6.03 -17.22 0.44
CA ALA A 182 6.83 -16.47 1.40
C ALA A 182 8.25 -16.98 1.30
N ARG A 183 9.15 -16.16 0.76
CA ARG A 183 10.52 -16.59 0.50
C ARG A 183 10.51 -17.90 -0.31
N GLU A 184 11.13 -18.95 0.22
CA GLU A 184 11.27 -20.22 -0.52
C GLU A 184 10.12 -21.20 -0.37
N GLU A 185 9.12 -20.84 0.44
CA GLU A 185 7.95 -21.69 0.64
C GLU A 185 6.80 -21.16 -0.21
N ALA A 186 6.16 -22.03 -0.98
CA ALA A 186 5.02 -21.61 -1.75
C ALA A 186 3.93 -22.67 -1.66
N VAL A 187 2.68 -22.24 -1.79
CA VAL A 187 1.56 -23.19 -1.77
C VAL A 187 0.49 -22.82 -2.77
N VAL A 188 0.06 -23.83 -3.52
CA VAL A 188 -1.07 -23.68 -4.41
C VAL A 188 -2.26 -24.39 -3.77
N THR A 189 -3.34 -23.65 -3.53
CA THR A 189 -4.56 -24.25 -2.99
C THR A 189 -5.54 -24.38 -4.14
N ILE A 190 -6.08 -25.58 -4.33
CA ILE A 190 -7.05 -25.85 -5.39
C ILE A 190 -8.31 -26.47 -4.82
N ASN A 191 -9.46 -25.96 -5.22
CA ASN A 191 -10.73 -26.53 -4.80
C ASN A 191 -11.05 -27.73 -5.69
N ALA A 192 -10.21 -28.76 -5.59
CA ALA A 192 -10.40 -30.02 -6.30
C ALA A 192 -9.92 -31.12 -5.38
N SER A 193 -10.66 -32.22 -5.31
CA SER A 193 -10.33 -33.32 -4.41
C SER A 193 -9.30 -34.22 -5.06
N SER A 194 -8.47 -34.87 -4.25
CA SER A 194 -7.50 -35.81 -4.78
C SER A 194 -7.76 -37.23 -4.25
N GLN A 224 15.37 -30.18 -8.47
CA GLN A 224 15.69 -28.89 -7.87
C GLN A 224 14.58 -28.41 -6.93
N ILE A 225 13.35 -28.38 -7.42
CA ILE A 225 12.20 -28.08 -6.56
C ILE A 225 11.81 -29.34 -5.82
N ARG A 226 11.11 -29.16 -4.69
CA ARG A 226 10.44 -30.27 -4.04
C ARG A 226 9.02 -29.84 -3.83
N TYR A 227 8.08 -30.77 -3.99
CA TYR A 227 6.69 -30.45 -3.73
C TYR A 227 5.96 -31.64 -3.14
N ARG A 228 4.85 -31.36 -2.47
CA ARG A 228 4.14 -32.40 -1.73
C ARG A 228 2.68 -32.04 -1.69
N LEU A 229 1.84 -33.04 -1.92
CA LEU A 229 0.40 -32.88 -1.94
C LEU A 229 -0.16 -33.01 -0.53
N GLU A 230 -1.07 -32.11 -0.15
CA GLU A 230 -1.85 -32.27 1.08
C GLU A 230 -3.33 -32.34 0.73
N ARG A 231 -4.00 -33.39 1.17
CA ARG A 231 -5.43 -33.51 0.96
C ARG A 231 -6.16 -32.69 2.01
N SER A 232 -7.19 -31.97 1.59
CA SER A 232 -7.97 -31.14 2.50
C SER A 232 -9.46 -31.29 2.18
N GLY A 233 -9.97 -32.51 2.29
CA GLY A 233 -11.37 -32.77 2.01
C GLY A 233 -11.69 -32.57 0.53
N ALA A 234 -12.55 -31.61 0.24
CA ALA A 234 -12.95 -31.35 -1.14
C ALA A 234 -11.88 -30.51 -1.88
N SER A 235 -10.83 -30.14 -1.16
CA SER A 235 -9.74 -29.36 -1.73
C SER A 235 -8.39 -30.05 -1.56
N SER A 236 -7.39 -29.51 -2.23
CA SER A 236 -6.03 -30.03 -2.14
C SER A 236 -5.06 -28.87 -2.14
N LYS A 237 -3.90 -29.09 -1.52
CA LYS A 237 -2.84 -28.09 -1.54
C LYS A 237 -1.57 -28.72 -2.07
N VAL A 238 -0.85 -27.98 -2.90
CA VAL A 238 0.45 -28.44 -3.37
C VAL A 238 1.51 -27.53 -2.76
N HIS A 239 2.30 -28.09 -1.85
CA HIS A 239 3.30 -27.34 -1.08
C HIS A 239 4.66 -27.42 -1.73
N PHE A 240 5.25 -26.26 -2.03
CA PHE A 240 6.53 -26.19 -2.74
C PHE A 240 7.66 -25.68 -1.86
N GLN A 241 8.81 -26.32 -1.98
CA GLN A 241 10.07 -25.79 -1.48
C GLN A 241 10.90 -25.40 -2.70
N LEU A 242 11.13 -24.10 -2.88
CA LEU A 242 11.77 -23.60 -4.10
C LEU A 242 13.19 -23.14 -3.86
N PRO A 243 14.06 -23.29 -4.88
CA PRO A 243 15.38 -22.66 -4.84
C PRO A 243 15.23 -21.15 -4.66
N VAL A 244 16.17 -20.52 -3.98
CA VAL A 244 16.16 -19.08 -3.78
C VAL A 244 16.00 -18.36 -5.12
N GLY A 245 15.10 -17.38 -5.16
CA GLY A 245 14.90 -16.60 -6.37
C GLY A 245 13.77 -17.09 -7.25
N TYR A 246 13.34 -18.34 -7.06
CA TYR A 246 12.27 -18.90 -7.88
C TYR A 246 10.89 -18.54 -7.39
N LYS A 247 9.96 -18.31 -8.32
CA LYS A 247 8.58 -18.02 -7.99
C LYS A 247 7.71 -19.00 -8.74
N LEU A 248 6.43 -19.05 -8.42
CA LEU A 248 5.49 -19.86 -9.19
C LEU A 248 4.74 -18.99 -10.19
N GLN A 249 4.61 -19.47 -11.41
CA GLN A 249 3.68 -18.86 -12.36
C GLN A 249 2.66 -19.93 -12.73
N VAL A 250 1.40 -19.69 -12.39
CA VAL A 250 0.36 -20.70 -12.56
C VAL A 250 -0.64 -20.30 -13.63
N SER A 251 -1.01 -21.26 -14.48
CA SER A 251 -1.98 -21.01 -15.55
C SER A 251 -2.85 -22.24 -15.80
N THR A 252 -3.82 -22.11 -16.69
CA THR A 252 -4.74 -23.21 -16.96
C THR A 252 -4.72 -23.62 -18.43
N LEU A 253 -5.18 -24.83 -18.71
CA LEU A 253 -5.30 -25.36 -20.07
C LEU A 253 -6.55 -26.21 -20.14
N THR A 254 -6.97 -26.55 -21.36
CA THR A 254 -8.12 -27.43 -21.56
C THR A 254 -7.74 -28.61 -22.44
N SER A 255 -8.66 -29.55 -22.60
CA SER A 255 -8.44 -30.74 -23.44
C SER A 255 -7.09 -31.43 -23.24
N PRO A 256 -6.85 -31.97 -22.03
CA PRO A 256 -7.78 -32.00 -20.91
C PRO A 256 -7.56 -30.80 -19.98
N PHE A 257 -8.53 -30.54 -19.11
CA PHE A 257 -8.39 -29.50 -18.09
C PHE A 257 -7.09 -29.75 -17.31
N ARG A 258 -6.27 -28.71 -17.16
CA ARG A 258 -5.00 -28.84 -16.45
C ARG A 258 -4.67 -27.55 -15.70
N LEU A 259 -4.17 -27.69 -14.47
CA LEU A 259 -3.55 -26.56 -13.80
C LEU A 259 -2.06 -26.72 -13.99
N VAL A 260 -1.43 -25.71 -14.60
CA VAL A 260 -0.01 -25.79 -14.90
C VAL A 260 0.76 -24.91 -13.91
N ILE A 261 1.68 -25.51 -13.16
CA ILE A 261 2.46 -24.76 -12.18
C ILE A 261 3.93 -24.69 -12.59
N ASP A 262 4.38 -23.51 -13.00
CA ASP A 262 5.75 -23.35 -13.43
C ASP A 262 6.60 -22.69 -12.34
N ALA A 263 7.76 -23.27 -12.04
CA ALA A 263 8.70 -22.66 -11.12
C ALA A 263 9.84 -22.04 -11.92
N ARG A 264 9.98 -20.71 -11.81
CA ARG A 264 10.99 -20.00 -12.60
C ARG A 264 11.37 -18.68 -11.90
N ALA A 265 12.52 -18.12 -12.28
CA ALA A 265 12.99 -16.88 -11.69
C ALA A 265 12.47 -15.62 -12.40
N ASP A 266 12.14 -15.76 -13.69
CA ASP A 266 11.65 -14.60 -14.43
C ASP A 266 10.12 -14.53 -14.45
N ALA A 267 9.55 -14.05 -13.34
CA ALA A 267 8.11 -14.01 -13.14
C ALA A 267 7.85 -12.82 -12.23
N PRO A 268 6.61 -12.30 -12.20
CA PRO A 268 5.41 -12.70 -12.96
C PRO A 268 5.44 -12.13 -14.37
N PRO A 269 4.59 -12.64 -15.27
CA PRO A 269 4.63 -12.17 -16.66
C PRO A 269 4.12 -10.72 -16.80
N VAL A 270 4.43 -10.08 -17.93
CA VAL A 270 4.02 -8.69 -18.14
C VAL A 270 2.53 -8.58 -18.32
N LYS A 271 1.97 -7.44 -17.92
CA LYS A 271 0.54 -7.23 -17.99
C LYS A 271 0.27 -5.73 -18.05
N THR A 272 -0.74 -5.33 -18.82
CA THR A 272 -1.19 -3.94 -18.81
C THR A 272 -2.70 -3.92 -18.76
N ILE A 273 -3.26 -3.43 -17.67
CA ILE A 273 -4.70 -3.37 -17.50
C ILE A 273 -5.17 -1.94 -17.39
N ASN A 274 -6.00 -1.51 -18.35
CA ASN A 274 -6.70 -0.25 -18.22
C ASN A 274 -7.86 -0.47 -17.25
N TRP A 275 -7.72 0.06 -16.05
CA TRP A 275 -8.54 -0.37 -14.91
C TRP A 275 -9.80 0.47 -14.78
N THR A 276 -9.62 1.77 -14.67
CA THR A 276 -10.77 2.66 -14.81
C THR A 276 -10.27 3.90 -15.53
N GLU A 277 -11.17 4.83 -15.84
CA GLU A 277 -10.71 6.06 -16.45
C GLU A 277 -9.70 6.72 -15.53
N GLY A 278 -8.50 6.97 -16.06
CA GLY A 278 -7.48 7.65 -15.31
C GLY A 278 -6.59 6.75 -14.47
N ILE A 279 -6.82 5.44 -14.51
CA ILE A 279 -5.98 4.50 -13.74
C ILE A 279 -5.55 3.29 -14.57
N THR A 280 -4.24 3.08 -14.67
CA THR A 280 -3.68 1.95 -15.40
C THR A 280 -2.69 1.14 -14.56
N TRP A 281 -2.88 -0.18 -14.54
CA TRP A 281 -2.05 -1.11 -13.77
C TRP A 281 -1.10 -1.84 -14.72
N GLN A 282 0.20 -1.86 -14.42
CA GLN A 282 1.14 -2.58 -15.27
C GLN A 282 2.07 -3.44 -14.46
N GLN A 283 2.41 -4.60 -15.03
CA GLN A 283 3.49 -5.44 -14.52
C GLN A 283 4.54 -5.51 -15.63
N ARG A 284 5.78 -5.18 -15.31
CA ARG A 284 6.83 -5.03 -16.31
C ARG A 284 8.15 -5.56 -15.79
N PHE A 285 9.08 -5.83 -16.70
CA PHE A 285 10.48 -6.05 -16.33
C PHE A 285 11.27 -4.81 -16.71
N VAL A 286 12.01 -4.24 -15.77
CA VAL A 286 12.83 -3.07 -16.06
C VAL A 286 14.30 -3.46 -16.04
N ASN A 287 15.00 -3.18 -17.14
CA ASN A 287 16.41 -3.51 -17.25
C ASN A 287 17.29 -2.32 -16.97
N ILE A 288 18.20 -2.48 -16.02
CA ILE A 288 19.26 -1.50 -15.80
C ILE A 288 20.59 -2.22 -15.85
N SER A 289 21.67 -1.50 -15.62
CA SER A 289 22.99 -2.12 -15.60
C SER A 289 23.07 -3.27 -14.60
N GLY A 290 22.51 -3.04 -13.40
CA GLY A 290 22.55 -4.03 -12.33
C GLY A 290 21.74 -5.31 -12.48
N GLY A 291 20.84 -5.35 -13.47
CA GLY A 291 20.01 -6.52 -13.68
C GLY A 291 18.59 -6.21 -14.15
N GLN A 292 17.76 -7.25 -14.19
CA GLN A 292 16.39 -7.13 -14.68
C GLN A 292 15.44 -7.23 -13.48
N PHE A 293 14.62 -6.19 -13.29
CA PHE A 293 13.75 -6.10 -12.11
C PHE A 293 12.28 -6.18 -12.49
N PRO A 294 11.57 -7.19 -11.97
CA PRO A 294 10.11 -7.15 -12.13
C PRO A 294 9.56 -5.98 -11.31
N VAL A 295 8.75 -5.12 -11.93
CA VAL A 295 8.20 -3.95 -11.25
C VAL A 295 6.68 -3.84 -11.44
N THR A 296 5.97 -3.56 -10.35
CA THR A 296 4.53 -3.32 -10.41
C THR A 296 4.25 -1.83 -10.28
N THR A 297 3.43 -1.30 -11.19
CA THR A 297 3.07 0.11 -11.13
C THR A 297 1.57 0.30 -11.26
N VAL A 298 1.10 1.38 -10.66
CA VAL A 298 -0.24 1.87 -10.97
C VAL A 298 -0.07 3.34 -11.30
N THR A 299 -0.57 3.72 -12.47
CA THR A 299 -0.40 5.08 -12.95
C THR A 299 -1.76 5.78 -12.91
N ILE A 300 -1.78 6.98 -12.33
CA ILE A 300 -3.03 7.66 -12.05
C ILE A 300 -2.96 9.06 -12.64
N ASN A 301 -3.96 9.43 -13.43
CA ASN A 301 -4.09 10.81 -13.90
C ASN A 301 -4.86 11.60 -12.86
N PRO A 302 -4.16 12.45 -12.09
CA PRO A 302 -4.77 13.15 -10.95
C PRO A 302 -5.70 14.27 -11.42
N ARG A 303 -5.77 14.46 -12.74
CA ARG A 303 -6.67 15.44 -13.33
C ARG A 303 -7.96 14.81 -13.84
N SER A 304 -8.05 13.48 -13.82
CA SER A 304 -9.29 12.79 -14.17
C SER A 304 -10.38 13.15 -13.19
N PRO A 305 -11.60 13.33 -13.68
CA PRO A 305 -12.68 13.81 -12.81
C PRO A 305 -12.95 12.83 -11.66
N GLY A 306 -13.03 13.37 -10.45
CA GLY A 306 -13.38 12.54 -9.30
C GLY A 306 -12.22 11.79 -8.66
N ILE A 307 -11.02 11.93 -9.20
CA ILE A 307 -9.85 11.29 -8.59
C ILE A 307 -9.20 12.19 -7.57
N SER A 308 -8.94 11.65 -6.37
CA SER A 308 -8.20 12.39 -5.36
C SER A 308 -7.23 11.44 -4.68
N LEU A 309 -6.21 12.01 -4.04
CA LEU A 309 -5.29 11.24 -3.23
C LEU A 309 -5.32 11.77 -1.80
N ARG A 310 -5.22 10.84 -0.85
CA ARG A 310 -5.15 11.18 0.57
C ARG A 310 -4.15 10.30 1.26
N PRO A 311 -3.37 10.86 2.19
CA PRO A 311 -2.61 10.01 3.09
C PRO A 311 -3.56 9.31 4.04
N LEU A 312 -3.27 8.06 4.35
CA LEU A 312 -4.15 7.26 5.19
C LEU A 312 -3.32 6.68 6.31
N MET A 313 -3.77 6.87 7.55
CA MET A 313 -3.09 6.31 8.70
C MET A 313 -3.71 4.99 9.11
N ALA A 314 -2.89 4.09 9.61
CA ALA A 314 -3.31 2.76 10.10
C ALA A 314 -4.47 2.89 11.06
N ASN A 315 -4.32 3.81 12.01
CA ASN A 315 -5.45 4.24 12.84
C ASN A 315 -6.01 5.53 12.25
N PRO A 316 -7.24 5.47 11.70
CA PRO A 316 -7.76 6.56 10.88
C PRO A 316 -7.86 7.90 11.62
N THR A 317 -7.86 7.88 12.95
CA THR A 317 -8.02 9.12 13.70
C THR A 317 -6.96 9.39 14.77
N MET A 318 -5.88 8.61 14.77
CA MET A 318 -4.73 8.99 15.59
C MET A 318 -3.40 8.59 14.96
N ALA A 319 -2.31 9.13 15.52
CA ALA A 319 -0.97 8.93 14.98
C ALA A 319 -0.38 7.56 15.28
N GLN A 320 -0.73 6.98 16.41
CA GLN A 320 -0.14 5.71 16.82
C GLN A 320 -0.87 4.51 16.20
N GLY A 321 -0.09 3.65 15.54
CA GLY A 321 -0.63 2.38 15.10
C GLY A 321 0.00 1.89 13.83
N THR A 322 -0.04 0.58 13.62
CA THR A 322 0.36 0.00 12.35
C THR A 322 -0.65 -1.06 11.95
N ALA A 323 -0.77 -1.28 10.63
CA ALA A 323 -1.68 -2.28 10.09
C ALA A 323 -1.20 -2.70 8.70
N PRO A 324 -1.56 -3.91 8.26
CA PRO A 324 -1.20 -4.26 6.88
C PRO A 324 -1.74 -3.24 5.89
N LEU A 325 -0.94 -2.91 4.88
CA LEU A 325 -1.35 -1.94 3.85
C LEU A 325 -2.68 -2.36 3.23
N VAL A 326 -2.83 -3.65 2.98
CA VAL A 326 -4.04 -4.14 2.32
C VAL A 326 -5.27 -3.94 3.22
N THR A 327 -5.06 -4.00 4.54
CA THR A 327 -6.13 -3.74 5.51
C THR A 327 -6.47 -2.26 5.56
N ILE A 328 -5.45 -1.40 5.52
CA ILE A 328 -5.68 0.03 5.40
C ILE A 328 -6.52 0.32 4.15
N ALA A 329 -6.11 -0.26 3.02
CA ALA A 329 -6.80 -0.05 1.74
C ALA A 329 -8.27 -0.49 1.80
N ARG A 330 -8.51 -1.69 2.32
CA ARG A 330 -9.87 -2.20 2.43
C ARG A 330 -10.72 -1.38 3.40
N ASP A 331 -10.21 -1.18 4.62
CA ASP A 331 -11.01 -0.54 5.66
C ASP A 331 -11.31 0.93 5.38
N GLN A 332 -10.43 1.63 4.68
CA GLN A 332 -10.65 3.04 4.38
C GLN A 332 -11.07 3.26 2.93
N ARG A 333 -11.41 2.15 2.26
CA ARG A 333 -12.06 2.17 0.93
C ARG A 333 -11.28 2.89 -0.16
N ALA A 334 -9.96 2.68 -0.19
CA ALA A 334 -9.12 3.25 -1.23
C ALA A 334 -9.15 2.35 -2.46
N ALA A 335 -9.28 2.96 -3.63
CA ALA A 335 -9.21 2.20 -4.87
C ALA A 335 -7.79 1.69 -5.12
N VAL A 336 -6.80 2.52 -4.79
CA VAL A 336 -5.38 2.15 -4.88
C VAL A 336 -4.69 2.64 -3.61
N ALA A 337 -3.70 1.89 -3.11
CA ALA A 337 -2.90 2.40 -2.02
C ALA A 337 -1.50 1.85 -2.10
N ILE A 338 -0.52 2.64 -1.68
CA ILE A 338 0.85 2.15 -1.54
C ILE A 338 1.32 2.53 -0.13
N ASN A 339 2.13 1.69 0.49
CA ASN A 339 2.74 2.04 1.76
C ASN A 339 3.59 3.31 1.58
N ALA A 340 3.69 4.11 2.63
CA ALA A 340 4.27 5.44 2.46
C ALA A 340 5.40 5.77 3.44
N GLY A 341 5.06 6.41 4.57
CA GLY A 341 6.10 6.99 5.40
C GLY A 341 6.85 6.06 6.36
N PHE A 342 8.04 6.48 6.77
CA PHE A 342 8.82 5.76 7.78
C PHE A 342 8.16 5.84 9.16
N PHE A 343 8.43 4.81 9.98
CA PHE A 343 7.85 4.72 11.30
C PHE A 343 8.74 3.86 12.18
N ASN A 344 8.49 3.94 13.48
CA ASN A 344 9.19 3.14 14.49
C ASN A 344 8.31 1.93 14.74
N ARG A 345 8.76 0.73 14.35
CA ARG A 345 7.89 -0.42 14.49
C ARG A 345 7.73 -0.85 15.95
N ASN A 346 8.64 -0.39 16.80
CA ASN A 346 8.60 -0.75 18.22
C ASN A 346 7.50 -0.05 19.02
N ASN A 347 7.18 1.19 18.69
CA ASN A 347 6.09 1.89 19.37
C ASN A 347 4.96 2.35 18.45
N GLN A 348 5.08 1.97 17.18
CA GLN A 348 4.10 2.29 16.12
C GLN A 348 3.87 3.79 15.92
N LEU A 349 4.93 4.59 16.06
CA LEU A 349 4.82 6.03 15.83
C LEU A 349 5.40 6.44 14.48
N PRO A 350 4.78 7.45 13.84
CA PRO A 350 5.27 7.98 12.55
C PRO A 350 6.56 8.78 12.70
N LEU A 351 7.42 8.67 11.70
CA LEU A 351 8.68 9.42 11.62
C LEU A 351 8.72 10.16 10.27
N GLY A 352 8.13 11.34 10.21
CA GLY A 352 8.14 12.12 8.98
C GLY A 352 6.77 12.70 8.66
N ALA A 353 6.73 13.57 7.65
CA ALA A 353 5.56 14.39 7.40
C ALA A 353 4.35 13.61 6.90
N VAL A 354 3.18 13.90 7.47
CA VAL A 354 1.93 13.37 6.94
C VAL A 354 0.88 14.45 7.15
N TRP A 355 0.28 14.95 6.08
CA TRP A 355 -0.78 15.95 6.26
C TRP A 355 -1.89 15.86 5.19
N SER A 356 -3.10 16.25 5.57
CA SER A 356 -4.22 16.21 4.63
C SER A 356 -5.24 17.26 5.00
N GLN A 357 -5.81 17.90 3.98
CA GLN A 357 -6.73 19.03 4.18
C GLN A 357 -6.23 20.05 5.22
N GLN A 358 -4.93 20.36 5.11
CA GLN A 358 -4.21 21.29 5.99
C GLN A 358 -4.15 20.85 7.45
N ASN A 359 -4.44 19.59 7.69
CA ASN A 359 -4.36 18.99 9.03
C ASN A 359 -3.11 18.11 9.15
N TRP A 360 -2.18 18.49 10.02
CA TRP A 360 -0.91 17.78 10.15
C TRP A 360 -1.00 16.61 11.12
N ARG A 361 -0.95 15.41 10.57
CA ARG A 361 -1.01 14.20 11.38
C ARG A 361 0.36 13.88 11.97
N SER A 362 1.43 14.22 11.24
CA SER A 362 2.79 13.98 11.70
C SER A 362 3.71 15.00 11.03
N GLY A 363 4.68 15.54 11.76
CA GLY A 363 5.50 16.59 11.19
C GLY A 363 6.71 16.07 10.44
N PRO A 364 7.31 16.91 9.57
CA PRO A 364 8.51 16.55 8.80
C PRO A 364 9.71 16.40 9.74
N ILE A 365 10.63 15.53 9.37
CA ILE A 365 11.90 15.43 10.09
C ILE A 365 13.09 15.38 9.13
N LEU A 366 14.26 15.84 9.62
CA LEU A 366 15.56 15.67 8.98
C LEU A 366 15.67 16.25 7.55
N ASN A 367 14.83 17.23 7.24
CA ASN A 367 14.82 17.85 5.92
C ASN A 367 14.70 16.80 4.81
N ARG A 368 13.85 15.81 5.05
CA ARG A 368 13.72 14.69 4.13
C ARG A 368 12.81 14.94 2.94
N GLY A 369 13.04 14.17 1.88
CA GLY A 369 12.25 14.23 0.67
C GLY A 369 10.76 14.08 0.96
N ALA A 370 9.95 14.85 0.23
CA ALA A 370 8.50 14.87 0.42
C ALA A 370 7.80 15.23 -0.87
N ILE A 371 6.56 14.76 -0.99
CA ILE A 371 5.65 15.15 -2.07
C ILE A 371 4.43 15.86 -1.47
N ALA A 372 3.90 16.87 -2.16
CA ALA A 372 2.67 17.50 -1.71
C ALA A 372 1.79 17.71 -2.93
N TRP A 373 0.48 17.81 -2.70
CA TRP A 373 -0.46 17.88 -3.82
C TRP A 373 -1.79 18.50 -3.41
N ASN A 374 -2.58 18.90 -4.41
CA ASN A 374 -3.93 19.35 -4.15
C ASN A 374 -4.94 18.53 -4.95
N ASP A 375 -6.23 18.85 -4.81
CA ASP A 375 -7.26 18.06 -5.48
C ASP A 375 -7.52 18.51 -6.91
N GLN A 376 -6.67 19.38 -7.41
CA GLN A 376 -6.72 19.80 -8.80
C GLN A 376 -5.60 19.12 -9.59
N GLY A 377 -4.89 18.22 -8.92
CA GLY A 377 -3.92 17.38 -9.61
C GLY A 377 -2.52 17.96 -9.69
N GLN A 378 -2.31 19.10 -9.04
CA GLN A 378 -0.99 19.71 -9.01
C GLN A 378 -0.14 19.10 -7.90
N THR A 379 1.15 18.94 -8.18
CA THR A 379 2.10 18.36 -7.22
C THR A 379 3.35 19.22 -7.06
N THR A 380 4.07 18.99 -5.97
CA THR A 380 5.41 19.54 -5.80
C THR A 380 6.26 18.54 -5.02
N PHE A 381 7.57 18.56 -5.27
CA PHE A 381 8.50 17.66 -4.59
C PHE A 381 9.61 18.52 -4.02
N GLY A 382 10.21 18.09 -2.91
CA GLY A 382 11.34 18.84 -2.37
C GLY A 382 11.76 18.24 -1.06
N ARG A 383 12.71 18.87 -0.39
CA ARG A 383 13.14 18.41 0.93
C ARG A 383 12.50 19.34 1.95
N LEU A 384 11.59 18.78 2.74
CA LEU A 384 10.66 19.57 3.51
C LEU A 384 11.08 19.77 4.96
N SER A 385 10.97 21.00 5.44
CA SER A 385 11.05 21.24 6.88
C SER A 385 9.91 22.17 7.29
N LEU A 386 9.54 22.10 8.56
CA LEU A 386 8.45 22.92 9.07
C LEU A 386 8.94 23.53 10.36
N SER A 387 8.76 24.84 10.52
CA SER A 387 9.01 25.42 11.83
C SER A 387 7.74 26.13 12.29
N GLU A 388 7.42 25.99 13.56
CA GLU A 388 6.28 26.69 14.13
C GLU A 388 6.79 27.74 15.08
N ILE A 389 6.39 28.99 14.86
CA ILE A 389 6.70 30.06 15.80
C ILE A 389 5.57 30.19 16.80
N ILE A 390 5.90 30.06 18.08
CA ILE A 390 4.93 30.25 19.13
C ILE A 390 5.19 31.63 19.73
N THR A 391 4.18 32.50 19.67
CA THR A 391 4.27 33.87 20.15
C THR A 391 3.35 34.06 21.34
N THR A 392 3.90 34.55 22.45
CA THR A 392 3.13 34.74 23.68
C THR A 392 2.44 36.10 23.73
N GLY A 393 1.65 36.30 24.78
CA GLY A 393 0.91 37.54 24.92
C GLY A 393 1.77 38.75 25.24
N SER A 394 3.07 38.51 25.47
CA SER A 394 3.98 39.63 25.66
C SER A 394 4.74 39.92 24.35
N GLY A 395 4.74 38.96 23.45
CA GLY A 395 5.43 39.13 22.19
C GLY A 395 6.66 38.26 22.04
N GLN A 396 7.07 37.60 23.13
CA GLN A 396 8.18 36.65 23.09
C GLN A 396 7.91 35.54 22.08
N ARG A 397 8.99 35.03 21.48
CA ARG A 397 8.85 33.97 20.47
C ARG A 397 9.59 32.70 20.88
N LEU A 398 8.97 31.55 20.62
CA LEU A 398 9.67 30.28 20.74
C LEU A 398 9.53 29.57 19.39
N THR A 399 10.53 28.79 19.01
CA THR A 399 10.44 28.02 17.78
C THR A 399 10.32 26.55 18.14
N ALA A 400 9.26 25.91 17.66
CA ALA A 400 9.08 24.49 17.85
C ALA A 400 9.48 23.78 16.55
N ASN A 401 10.32 22.76 16.66
CA ASN A 401 10.84 22.10 15.46
C ASN A 401 10.31 20.68 15.23
N TYR A 402 9.44 20.22 16.12
CA TYR A 402 8.86 18.89 16.00
C TYR A 402 7.37 18.97 16.27
N LEU A 403 6.58 18.35 15.41
CA LEU A 403 5.13 18.39 15.55
C LEU A 403 4.59 16.99 15.38
N ASN A 404 3.83 16.51 16.36
CA ASN A 404 3.19 15.20 16.26
C ASN A 404 4.13 14.12 15.74
N SER A 405 5.30 14.00 16.33
CA SER A 405 6.33 13.11 15.79
C SER A 405 6.87 12.10 16.81
N GLY A 406 7.17 10.90 16.32
CA GLY A 406 7.89 9.92 17.12
C GLY A 406 9.37 10.17 17.16
N TYR A 407 9.83 11.20 16.44
CA TYR A 407 11.26 11.49 16.37
C TYR A 407 11.74 12.35 17.55
N VAL A 408 12.68 11.83 18.32
CA VAL A 408 13.11 12.46 19.56
C VAL A 408 14.49 13.11 19.48
N GLN A 409 14.51 14.43 19.62
CA GLN A 409 15.74 15.21 19.73
C GLN A 409 15.55 16.31 20.75
N ARG A 410 16.64 16.84 21.28
CA ARG A 410 16.54 18.01 22.13
C ARG A 410 15.92 19.14 21.33
N GLY A 411 14.99 19.86 21.95
CA GLY A 411 14.29 20.95 21.28
C GLY A 411 12.87 21.08 21.78
N ILE A 412 12.07 21.90 21.10
CA ILE A 412 10.68 22.09 21.51
C ILE A 412 9.75 21.35 20.56
N ALA A 413 8.86 20.53 21.12
CA ALA A 413 7.92 19.74 20.33
C ALA A 413 6.49 20.11 20.68
N ARG A 414 5.56 19.84 19.77
CA ARG A 414 4.17 20.17 20.02
C ARG A 414 3.34 18.94 19.65
N TYR A 415 2.29 18.68 20.41
CA TYR A 415 1.39 17.57 20.15
C TYR A 415 -0.04 18.06 20.19
N THR A 416 -0.75 17.86 19.08
CA THR A 416 -2.11 18.37 18.92
C THR A 416 -3.06 17.18 18.97
N PRO A 417 -4.39 17.43 18.94
CA PRO A 417 -5.31 16.29 18.94
C PRO A 417 -5.13 15.32 17.78
N ALA A 418 -4.52 15.76 16.67
CA ALA A 418 -4.19 14.83 15.58
C ALA A 418 -3.31 13.64 16.03
N TRP A 419 -2.49 13.85 17.05
CA TRP A 419 -1.66 12.79 17.61
C TRP A 419 -2.51 11.70 18.24
N GLY A 420 -3.58 12.12 18.91
CA GLY A 420 -4.43 11.22 19.66
C GLY A 420 -4.97 11.94 20.89
N PRO A 421 -5.69 11.19 21.74
CA PRO A 421 -6.24 11.71 22.99
C PRO A 421 -5.18 11.93 24.08
N SER A 422 -4.04 11.26 23.98
CA SER A 422 -3.03 11.39 25.03
C SER A 422 -1.58 11.40 24.52
N TYR A 423 -0.68 11.83 25.39
CA TYR A 423 0.75 11.78 25.11
C TYR A 423 1.49 11.04 26.22
N ILE A 424 2.38 10.14 25.83
CA ILE A 424 3.25 9.44 26.78
C ILE A 424 4.67 9.87 26.49
N PRO A 425 5.42 10.31 27.52
CA PRO A 425 6.74 10.88 27.23
C PRO A 425 7.66 9.91 26.51
N LEU A 426 8.41 10.41 25.52
CA LEU A 426 9.26 9.57 24.70
C LEU A 426 10.71 9.66 25.13
N SER A 427 11.01 10.59 26.03
CA SER A 427 12.36 10.73 26.58
C SER A 427 12.25 11.09 28.07
N ASP A 428 13.35 10.94 28.80
CA ASP A 428 13.35 11.29 30.22
C ASP A 428 13.47 12.80 30.41
N ASN A 429 12.98 13.28 31.56
CA ASN A 429 13.15 14.66 31.99
C ASN A 429 12.55 15.67 31.01
N GLU A 430 11.34 15.38 30.54
CA GLU A 430 10.62 16.33 29.69
C GLU A 430 9.84 17.30 30.57
N GLN A 431 9.58 18.50 30.04
CA GLN A 431 8.64 19.43 30.66
C GLN A 431 7.43 19.56 29.73
N VAL A 432 6.23 19.51 30.29
CA VAL A 432 5.04 19.71 29.47
C VAL A 432 4.28 20.97 29.88
N TYR A 433 3.83 21.72 28.88
CA TYR A 433 2.95 22.86 29.10
C TYR A 433 1.62 22.56 28.42
N VAL A 434 0.55 22.57 29.21
CA VAL A 434 -0.78 22.29 28.70
C VAL A 434 -1.41 23.57 28.18
N VAL A 435 -1.88 23.54 26.93
CA VAL A 435 -2.53 24.70 26.32
C VAL A 435 -3.99 24.36 26.02
N GLN A 436 -4.90 25.22 26.48
CA GLN A 436 -6.32 25.05 26.20
C GLN A 436 -6.88 26.37 25.74
N ASN A 437 -7.54 26.36 24.59
CA ASN A 437 -8.10 27.59 24.04
C ASN A 437 -7.08 28.73 23.99
N SER A 438 -5.89 28.40 23.51
CA SER A 438 -4.79 29.37 23.31
C SER A 438 -4.19 29.95 24.59
N GLN A 439 -4.47 29.36 25.74
CA GLN A 439 -3.84 29.80 26.99
C GLN A 439 -3.17 28.65 27.72
N VAL A 440 -2.00 28.91 28.29
CA VAL A 440 -1.32 27.94 29.14
C VAL A 440 -2.14 27.73 30.40
N THR A 441 -2.42 26.48 30.74
CA THR A 441 -3.25 26.17 31.90
C THR A 441 -2.50 25.37 32.96
N ALA A 442 -1.40 24.72 32.57
CA ALA A 442 -0.61 23.92 33.51
C ALA A 442 0.79 23.65 33.00
N GLN A 443 1.71 23.35 33.91
CA GLN A 443 3.06 22.89 33.56
C GLN A 443 3.40 21.73 34.50
N TYR A 444 3.96 20.66 33.96
CA TYR A 444 4.36 19.50 34.75
C TYR A 444 5.67 18.92 34.24
N PRO A 445 6.47 18.33 35.14
CA PRO A 445 7.61 17.54 34.70
C PRO A 445 7.12 16.15 34.29
N LEU A 446 7.75 15.58 33.26
CA LEU A 446 7.50 14.19 32.89
C LEU A 446 8.86 13.51 32.97
N PRO A 447 9.19 12.95 34.15
CA PRO A 447 10.59 12.57 34.39
C PRO A 447 11.01 11.31 33.65
N LYS A 448 10.08 10.39 33.39
CA LYS A 448 10.49 9.08 32.94
C LYS A 448 9.80 8.49 31.74
N ALA A 449 10.60 8.19 30.73
CA ALA A 449 10.41 7.04 29.83
C ALA A 449 9.52 7.15 28.59
N GLY A 450 8.19 6.99 28.63
CA GLY A 450 7.34 6.80 29.79
C GLY A 450 6.60 5.48 29.74
N GLN A 451 5.81 5.12 30.75
CA GLN A 451 5.59 5.81 32.04
C GLN A 451 4.81 7.15 32.06
N GLN A 452 3.58 7.06 32.57
CA GLN A 452 2.58 8.15 32.63
C GLN A 452 2.02 8.69 31.29
N GLN A 453 0.97 9.49 31.37
CA GLN A 453 0.13 9.75 30.20
C GLN A 453 -0.65 11.07 30.30
N MET A 454 -0.15 12.11 29.63
CA MET A 454 -0.83 13.40 29.59
C MET A 454 -1.98 13.33 28.60
N PRO A 455 -3.20 13.70 29.02
CA PRO A 455 -4.22 13.93 28.01
C PRO A 455 -3.84 15.14 27.16
N ILE A 456 -4.15 15.08 25.86
CA ILE A 456 -4.03 16.24 24.99
C ILE A 456 -5.41 16.89 24.89
N PRO A 457 -5.52 18.16 25.30
CA PRO A 457 -6.85 18.80 25.35
C PRO A 457 -7.46 18.93 23.96
N SER A 458 -8.76 18.61 23.84
CA SER A 458 -9.42 18.65 22.53
C SER A 458 -9.47 20.05 21.94
N ASP A 459 -9.43 21.07 22.80
CA ASP A 459 -9.46 22.45 22.35
C ASP A 459 -8.08 23.08 22.51
N GLY A 460 -7.05 22.26 22.49
CA GLY A 460 -5.69 22.77 22.59
C GLY A 460 -4.61 21.82 22.13
N TYR A 461 -3.51 21.78 22.88
CA TYR A 461 -2.33 21.00 22.53
C TYR A 461 -1.33 20.99 23.66
N LEU A 462 -0.27 20.21 23.51
CA LEU A 462 0.80 20.18 24.50
C LEU A 462 2.06 20.72 23.87
N ILE A 463 2.81 21.51 24.66
CA ILE A 463 4.16 21.86 24.29
C ILE A 463 5.09 20.99 25.14
N ILE A 464 6.01 20.31 24.47
CA ILE A 464 6.96 19.42 25.13
C ILE A 464 8.36 20.00 25.01
N ASP A 465 9.03 20.22 26.14
CA ASP A 465 10.38 20.74 26.12
C ASP A 465 11.33 19.61 26.43
N ARG A 466 12.20 19.29 25.46
CA ARG A 466 13.22 18.27 25.65
C ARG A 466 14.59 18.95 25.70
N GLY A 467 15.24 18.85 26.86
CA GLY A 467 16.55 19.48 27.04
C GLY A 467 16.53 20.92 27.53
N ASN A 468 15.48 21.29 28.24
CA ASN A 468 15.36 22.64 28.82
C ASN A 468 15.60 23.79 27.84
N GLN A 469 14.85 23.78 26.74
CA GLN A 469 15.05 24.79 25.71
C GLN A 469 14.18 26.02 25.95
N ILE A 470 13.27 25.92 26.92
CA ILE A 470 12.33 27.00 27.18
C ILE A 470 12.74 27.76 28.44
N PRO A 471 13.15 29.03 28.28
CA PRO A 471 13.58 29.88 29.39
C PRO A 471 12.47 29.99 30.43
N ALA A 472 12.84 30.10 31.70
CA ALA A 472 11.87 30.16 32.78
C ALA A 472 10.97 31.39 32.67
N GLY A 473 9.70 31.19 33.02
CA GLY A 473 8.75 32.28 33.10
C GLY A 473 8.10 32.68 31.78
N VAL A 474 8.62 32.17 30.67
CA VAL A 474 8.10 32.52 29.35
C VAL A 474 6.67 31.99 29.15
N LEU A 475 6.41 30.78 29.65
CA LEU A 475 5.09 30.15 29.52
C LEU A 475 4.36 30.04 30.85
N ALA A 476 4.20 31.15 31.56
CA ALA A 476 3.45 31.17 32.81
C ALA A 476 1.99 30.76 32.59
N VAL A 477 1.40 30.10 33.59
CA VAL A 477 -0.04 29.80 33.56
C VAL A 477 -0.84 31.08 33.31
N GLY A 478 -1.71 31.05 32.30
CA GLY A 478 -2.49 32.21 31.92
C GLY A 478 -2.00 32.90 30.67
N THR A 479 -0.76 32.61 30.27
CA THR A 479 -0.20 33.22 29.06
C THR A 479 -1.00 32.83 27.80
N THR A 480 -1.28 33.81 26.96
CA THR A 480 -1.97 33.59 25.68
C THR A 480 -0.94 33.26 24.59
N LEU A 481 -1.26 32.31 23.70
CA LEU A 481 -0.29 31.88 22.68
C LEU A 481 -0.89 31.89 21.29
N ASN A 482 -0.07 32.29 20.32
CA ASN A 482 -0.39 32.09 18.91
C ASN A 482 0.66 31.20 18.29
N VAL A 483 0.22 30.23 17.48
CA VAL A 483 1.16 29.36 16.77
C VAL A 483 1.04 29.62 15.28
N ASN A 484 2.17 29.84 14.62
CA ASN A 484 2.19 30.11 13.19
C ASN A 484 3.22 29.20 12.53
N GLY A 485 2.75 28.35 11.61
CA GLY A 485 3.64 27.40 10.95
C GLY A 485 3.95 27.78 9.51
N ARG A 486 5.17 27.50 9.08
CA ARG A 486 5.60 27.79 7.72
C ARG A 486 6.52 26.70 7.19
N SER A 487 6.21 26.19 5.99
CA SER A 487 7.02 25.13 5.38
C SER A 487 8.12 25.71 4.50
N THR A 488 9.21 24.97 4.37
CA THR A 488 10.30 25.30 3.45
C THR A 488 10.59 24.01 2.68
N PRO A 489 10.73 24.09 1.34
CA PRO A 489 10.62 25.26 0.46
C PRO A 489 9.26 25.94 0.51
N GLU A 490 9.23 27.24 0.24
CA GLU A 490 7.99 28.02 0.25
C GLU A 490 6.82 27.41 -0.53
N ALA A 491 7.12 26.74 -1.65
CA ALA A 491 6.05 26.19 -2.49
C ALA A 491 5.16 25.18 -1.76
N PHE A 492 5.70 24.54 -0.72
CA PHE A 492 4.92 23.54 0.01
C PHE A 492 3.72 24.16 0.72
N ASN A 493 3.81 25.45 1.04
CA ASN A 493 2.70 26.12 1.73
C ASN A 493 1.40 26.19 0.91
N ALA A 494 1.52 25.98 -0.39
CA ALA A 494 0.34 26.00 -1.26
C ALA A 494 -0.46 24.71 -1.20
N PHE A 495 0.12 23.64 -0.69
CA PHE A 495 -0.52 22.32 -0.86
C PHE A 495 -1.09 21.77 0.44
N PRO A 496 -2.37 21.40 0.42
CA PRO A 496 -3.07 20.96 1.63
C PRO A 496 -2.85 19.51 1.99
N ASN A 497 -2.25 18.72 1.08
CA ASN A 497 -1.98 17.31 1.33
C ASN A 497 -0.51 17.00 1.07
N GLY A 498 0.08 16.13 1.88
CA GLY A 498 1.44 15.73 1.60
C GLY A 498 1.95 14.54 2.37
N MET A 499 3.09 14.04 1.93
CA MET A 499 3.71 12.87 2.51
C MET A 499 5.22 13.00 2.45
N GLY A 500 5.88 12.87 3.60
CA GLY A 500 7.33 12.78 3.64
C GLY A 500 7.83 11.34 3.69
N ALA A 501 9.00 11.10 3.13
CA ALA A 501 9.68 9.83 3.26
C ALA A 501 11.14 10.04 2.99
N GLY A 502 11.57 9.60 1.81
CA GLY A 502 12.93 9.88 1.38
C GLY A 502 13.79 8.66 1.16
N PRO A 503 14.93 8.84 0.49
CA PRO A 503 15.36 10.15 -0.01
C PRO A 503 14.67 10.57 -1.29
N LEU A 504 14.73 11.85 -1.59
CA LEU A 504 14.32 12.34 -2.89
C LEU A 504 15.28 11.75 -3.94
N LEU A 505 14.75 11.14 -4.99
CA LEU A 505 15.62 10.42 -5.93
C LEU A 505 15.80 11.16 -7.26
N ILE A 506 14.71 11.68 -7.81
CA ILE A 506 14.75 12.39 -9.08
C ILE A 506 14.03 13.73 -8.97
N ASP A 507 14.63 14.79 -9.52
CA ASP A 507 14.03 16.11 -9.48
C ASP A 507 14.24 16.82 -10.80
N GLN A 508 13.13 17.18 -11.46
CA GLN A 508 13.14 17.80 -12.79
C GLN A 508 14.05 17.03 -13.74
N GLY A 509 13.89 15.71 -13.77
CA GLY A 509 14.62 14.85 -14.69
C GLY A 509 16.03 14.49 -14.24
N ARG A 510 16.54 15.12 -13.20
CA ARG A 510 17.91 14.80 -12.79
C ARG A 510 18.03 13.97 -11.52
N MET A 511 19.10 13.17 -11.48
CA MET A 511 19.35 12.29 -10.35
C MET A 511 19.87 13.14 -9.22
N VAL A 512 19.17 13.12 -8.08
CA VAL A 512 19.53 14.03 -7.00
C VAL A 512 19.73 13.32 -5.67
N LEU A 513 19.82 12.00 -5.70
CA LEU A 513 20.06 11.21 -4.49
C LEU A 513 21.19 11.76 -3.62
N ASN A 514 20.85 12.09 -2.38
CA ASN A 514 21.84 12.49 -1.38
C ASN A 514 21.36 11.98 -0.06
N ALA A 515 21.55 10.69 0.17
CA ALA A 515 21.00 10.05 1.35
C ALA A 515 21.67 10.57 2.62
N THR A 516 22.95 10.92 2.52
CA THR A 516 23.65 11.39 3.72
C THR A 516 23.09 12.74 4.15
N GLY A 517 22.78 13.58 3.15
CA GLY A 517 22.22 14.90 3.38
C GLY A 517 20.87 14.84 4.06
N GLU A 518 20.13 13.77 3.78
CA GLU A 518 18.81 13.58 4.39
C GLU A 518 18.87 12.74 5.67
N GLY A 519 20.08 12.51 6.18
CA GLY A 519 20.26 11.85 7.47
C GLY A 519 20.07 10.35 7.51
N PHE A 520 20.18 9.68 6.38
CA PHE A 520 20.05 8.23 6.35
C PHE A 520 21.40 7.59 6.65
N SER A 521 21.38 6.49 7.42
CA SER A 521 22.61 5.85 7.93
C SER A 521 23.42 5.17 6.83
N SER A 522 24.68 4.85 7.12
CA SER A 522 25.52 4.10 6.20
C SER A 522 24.89 2.76 5.90
N ALA A 523 24.36 2.11 6.94
CA ALA A 523 23.73 0.81 6.77
C ALA A 523 22.54 0.88 5.82
N PHE A 524 21.71 1.91 5.98
CA PHE A 524 20.56 2.11 5.10
C PHE A 524 21.04 2.29 3.67
N GLN A 525 22.12 3.05 3.50
CA GLN A 525 22.61 3.37 2.18
C GLN A 525 23.20 2.21 1.38
N GLN A 526 23.70 1.18 2.06
CA GLN A 526 24.32 0.09 1.31
C GLN A 526 23.40 -1.11 1.20
N GLN A 527 22.20 -0.96 1.72
CA GLN A 527 21.23 -2.03 1.74
C GLN A 527 20.60 -2.28 0.35
N ARG A 528 20.40 -3.56 0.02
CA ARG A 528 19.61 -3.98 -1.14
C ARG A 528 18.26 -4.48 -0.65
N ALA A 529 17.16 -3.96 -1.20
CA ALA A 529 15.84 -4.26 -0.63
C ALA A 529 14.69 -4.06 -1.60
N SER A 530 13.51 -4.56 -1.22
CA SER A 530 12.27 -4.16 -1.87
C SER A 530 12.15 -2.65 -1.75
N ARG A 531 11.57 -2.00 -2.75
CA ARG A 531 11.41 -0.54 -2.74
C ARG A 531 10.00 -0.08 -3.14
N SER A 532 9.59 1.05 -2.58
CA SER A 532 8.34 1.72 -2.96
C SER A 532 8.67 3.14 -3.37
N ALA A 533 7.92 3.70 -4.31
CA ALA A 533 8.10 5.10 -4.67
C ALA A 533 6.80 5.71 -5.13
N ILE A 534 6.75 7.04 -5.04
CA ILE A 534 5.73 7.81 -5.74
C ILE A 534 6.45 8.79 -6.66
N ALA A 535 5.99 8.87 -7.91
CA ALA A 535 6.64 9.70 -8.89
C ALA A 535 5.62 10.38 -9.79
N VAL A 536 6.08 11.39 -10.51
CA VAL A 536 5.26 11.95 -11.58
C VAL A 536 6.01 11.89 -12.90
N ASP A 537 5.30 11.58 -13.98
CA ASP A 537 5.90 11.54 -15.32
C ASP A 537 5.78 12.86 -16.09
N ARG A 538 6.11 12.84 -17.37
CA ARG A 538 6.09 14.01 -18.26
C ARG A 538 4.70 14.66 -18.34
N ASN A 539 3.66 13.82 -18.25
CA ASN A 539 2.29 14.26 -18.42
C ASN A 539 1.68 14.74 -17.11
N GLY A 540 2.46 14.63 -16.03
CA GLY A 540 1.97 14.98 -14.73
C GLY A 540 1.07 13.88 -14.19
N ASN A 541 1.18 12.67 -14.74
CA ASN A 541 0.53 11.51 -14.13
C ASN A 541 1.35 11.01 -12.96
N ILE A 542 0.68 10.50 -11.93
CA ILE A 542 1.36 9.98 -10.76
C ILE A 542 1.60 8.49 -10.93
N ILE A 543 2.81 8.03 -10.63
CA ILE A 543 3.10 6.61 -10.68
C ILE A 543 3.42 6.10 -9.29
N LEU A 544 2.70 5.06 -8.87
CA LEU A 544 3.03 4.36 -7.63
C LEU A 544 3.81 3.12 -8.05
N VAL A 545 4.95 2.88 -7.42
CA VAL A 545 5.89 1.86 -7.87
C VAL A 545 6.34 0.92 -6.75
N ALA A 546 6.27 -0.38 -7.00
CA ALA A 546 6.78 -1.40 -6.06
C ALA A 546 7.72 -2.34 -6.81
N SER A 547 8.94 -2.49 -6.31
CA SER A 547 9.91 -3.41 -6.90
C SER A 547 10.43 -4.37 -5.85
N HIS A 548 10.76 -5.58 -6.27
CA HIS A 548 11.33 -6.53 -5.32
C HIS A 548 12.70 -7.03 -5.79
N ASN A 549 12.95 -8.34 -5.78
CA ASN A 549 14.26 -8.83 -6.18
C ASN A 549 14.44 -8.81 -7.68
N ARG A 550 15.64 -8.49 -8.14
CA ARG A 550 15.95 -8.63 -9.55
C ARG A 550 15.97 -10.12 -9.88
N VAL A 551 15.77 -10.45 -11.16
CA VAL A 551 15.83 -11.85 -11.58
C VAL A 551 17.19 -12.42 -11.21
N GLY A 552 17.18 -13.43 -10.34
CA GLY A 552 18.39 -14.12 -9.92
C GLY A 552 19.34 -13.34 -9.02
N GLY A 553 18.80 -12.36 -8.29
CA GLY A 553 19.64 -11.51 -7.46
C GLY A 553 18.86 -10.79 -6.38
N ALA A 554 19.46 -9.76 -5.79
CA ALA A 554 18.87 -9.06 -4.66
C ALA A 554 17.93 -7.92 -5.09
N GLY A 555 17.31 -7.29 -4.08
CA GLY A 555 16.49 -6.10 -4.32
C GLY A 555 17.40 -4.95 -4.71
N ALA A 556 16.81 -3.82 -5.10
CA ALA A 556 17.58 -2.69 -5.60
C ALA A 556 18.26 -1.92 -4.48
N SER A 557 19.45 -1.38 -4.77
CA SER A 557 20.05 -0.34 -3.94
C SER A 557 19.30 0.95 -4.24
N LEU A 558 19.54 2.00 -3.46
CA LEU A 558 18.90 3.29 -3.72
C LEU A 558 19.25 3.85 -5.11
N GLY A 559 20.52 3.73 -5.51
CA GLY A 559 20.94 4.19 -6.82
C GLY A 559 20.28 3.42 -7.96
N GLU A 560 20.22 2.11 -7.79
CA GLU A 560 19.54 1.24 -8.75
C GLU A 560 18.06 1.58 -8.87
N PHE A 561 17.41 1.83 -7.73
CA PHE A 561 15.99 2.17 -7.73
C PHE A 561 15.78 3.50 -8.48
N ALA A 562 16.66 4.47 -8.26
CA ALA A 562 16.61 5.73 -9.02
C ALA A 562 16.70 5.49 -10.53
N GLN A 563 17.58 4.58 -10.92
CA GLN A 563 17.71 4.23 -12.33
C GLN A 563 16.45 3.55 -12.84
N ILE A 564 15.87 2.67 -12.03
CA ILE A 564 14.61 2.03 -12.39
C ILE A 564 13.52 3.06 -12.66
N LEU A 565 13.41 4.04 -11.78
CA LEU A 565 12.38 5.08 -11.88
C LEU A 565 12.61 5.98 -13.08
N GLN A 566 13.87 6.29 -13.35
CA GLN A 566 14.22 7.05 -14.56
C GLN A 566 13.77 6.28 -15.81
N GLN A 567 14.02 4.98 -15.84
CA GLN A 567 13.56 4.10 -16.93
C GLN A 567 12.04 4.09 -17.09
N LEU A 568 11.32 4.26 -15.98
CA LEU A 568 9.87 4.27 -16.00
C LEU A 568 9.30 5.62 -16.46
N GLY A 569 10.17 6.60 -16.64
CA GLY A 569 9.77 7.89 -17.15
C GLY A 569 9.53 8.92 -16.06
N ALA A 570 10.05 8.67 -14.87
CA ALA A 570 9.84 9.61 -13.77
C ALA A 570 10.61 10.91 -14.00
N VAL A 571 9.92 12.05 -13.88
CA VAL A 571 10.62 13.35 -13.88
C VAL A 571 10.88 13.85 -12.46
N ASN A 572 10.01 13.48 -11.52
CA ASN A 572 10.26 13.70 -10.09
C ASN A 572 9.93 12.37 -9.42
N ALA A 573 10.71 11.95 -8.42
CA ALA A 573 10.51 10.67 -7.76
C ALA A 573 10.95 10.72 -6.31
N LEU A 574 10.11 10.19 -5.43
CA LEU A 574 10.38 10.14 -4.00
C LEU A 574 10.41 8.69 -3.56
N ASN A 575 11.51 8.29 -2.93
CA ASN A 575 11.61 6.99 -2.31
C ASN A 575 10.69 6.94 -1.10
N LEU A 576 9.86 5.91 -1.03
CA LEU A 576 8.99 5.69 0.12
C LEU A 576 9.63 4.58 0.95
N ASP A 577 9.03 4.24 2.09
CA ASP A 577 9.55 3.14 2.91
C ASP A 577 9.57 1.83 2.08
N GLY A 578 10.58 0.99 2.31
CA GLY A 578 10.70 -0.24 1.53
C GLY A 578 10.83 -1.48 2.37
N GLY A 579 11.56 -2.46 1.86
CA GLY A 579 11.71 -3.74 2.54
C GLY A 579 10.38 -4.45 2.69
N SER A 580 10.13 -5.03 3.85
CA SER A 580 8.87 -5.74 4.11
C SER A 580 7.67 -4.77 4.14
N SER A 581 7.94 -3.48 4.29
CA SER A 581 6.85 -2.50 4.22
C SER A 581 6.27 -2.36 2.81
N THR A 582 7.08 -2.63 1.79
CA THR A 582 6.62 -2.41 0.40
C THR A 582 5.35 -3.22 0.12
N SER A 583 4.30 -2.54 -0.32
CA SER A 583 3.05 -3.19 -0.66
C SER A 583 2.14 -2.22 -1.44
N LEU A 584 1.52 -2.73 -2.48
CA LEU A 584 0.74 -1.91 -3.40
C LEU A 584 -0.59 -2.62 -3.61
N ALA A 585 -1.70 -1.96 -3.24
CA ALA A 585 -3.02 -2.59 -3.29
C ALA A 585 -3.88 -1.94 -4.35
N LEU A 586 -4.64 -2.77 -5.09
CA LEU A 586 -5.56 -2.25 -6.09
C LEU A 586 -6.88 -3.00 -5.93
N GLY A 587 -7.97 -2.26 -5.77
CA GLY A 587 -9.24 -2.87 -5.47
C GLY A 587 -9.19 -3.72 -4.21
N GLY A 588 -8.39 -3.28 -3.24
CA GLY A 588 -8.28 -4.00 -1.97
C GLY A 588 -7.54 -5.33 -2.00
N GLN A 589 -6.65 -5.52 -2.97
CA GLN A 589 -5.81 -6.71 -3.04
C GLN A 589 -4.38 -6.29 -3.33
N LEU A 590 -3.41 -6.98 -2.74
CA LEU A 590 -2.01 -6.70 -3.04
C LEU A 590 -1.63 -7.18 -4.44
N LEU A 591 -0.92 -6.34 -5.18
CA LEU A 591 -0.52 -6.66 -6.55
C LEU A 591 0.88 -7.25 -6.62
N ASP A 592 1.73 -6.84 -5.68
CA ASP A 592 3.17 -6.98 -5.83
C ASP A 592 3.81 -8.11 -5.03
N ARG A 593 3.12 -8.60 -4.00
CA ARG A 593 3.67 -9.67 -3.16
C ARG A 593 2.53 -10.38 -2.47
N SER A 594 2.82 -11.55 -1.89
CA SER A 594 1.80 -12.24 -1.11
C SER A 594 1.54 -11.53 0.19
N PRO A 595 0.25 -11.45 0.60
CA PRO A 595 -0.11 -10.74 1.84
C PRO A 595 0.68 -11.21 3.05
N VAL A 596 1.02 -12.49 3.16
CA VAL A 596 1.79 -12.95 4.33
C VAL A 596 3.19 -12.33 4.45
N THR A 597 3.75 -11.84 3.35
CA THR A 597 5.09 -11.24 3.37
C THR A 597 5.08 -9.72 3.62
N ALA A 598 3.90 -9.12 3.69
CA ALA A 598 3.80 -7.67 3.82
C ALA A 598 3.71 -7.30 5.29
N ALA A 599 4.50 -6.31 5.72
CA ALA A 599 4.54 -5.95 7.14
C ALA A 599 3.42 -4.98 7.47
N ARG A 600 3.08 -4.84 8.75
CA ARG A 600 2.19 -3.76 9.15
C ARG A 600 2.92 -2.46 8.92
N VAL A 601 2.20 -1.44 8.46
CA VAL A 601 2.82 -0.13 8.23
C VAL A 601 2.04 0.97 8.95
N SER A 602 2.68 2.11 9.15
CA SER A 602 2.02 3.24 9.81
C SER A 602 1.04 3.99 8.90
N ASN A 603 1.40 4.16 7.64
CA ASN A 603 0.59 4.99 6.77
C ASN A 603 0.78 4.70 5.29
N ALA A 604 -0.12 5.25 4.48
CA ALA A 604 -0.14 4.94 3.07
C ALA A 604 -0.54 6.19 2.28
N ILE A 605 -0.33 6.13 0.97
CA ILE A 605 -0.97 7.10 0.10
C ILE A 605 -2.11 6.36 -0.59
N GLY A 606 -3.32 6.88 -0.46
CA GLY A 606 -4.50 6.24 -1.04
C GLY A 606 -5.05 7.05 -2.20
N VAL A 607 -5.60 6.35 -3.19
CA VAL A 607 -6.23 6.98 -4.34
C VAL A 607 -7.73 6.69 -4.27
N PHE A 608 -8.53 7.73 -4.44
CA PHE A 608 -9.98 7.59 -4.34
C PHE A 608 -10.62 8.04 -5.65
N VAL A 609 -11.65 7.32 -6.06
CA VAL A 609 -12.37 7.64 -7.29
C VAL A 609 -13.82 7.92 -6.91
N ARG A 610 -14.26 9.16 -7.10
CA ARG A 610 -15.58 9.58 -6.66
C ARG A 610 -16.33 10.37 -7.73
#